data_3S91
#
_entry.id   3S91
#
_cell.length_a   86.560
_cell.length_b   86.560
_cell.length_c   76.891
_cell.angle_alpha   90.000
_cell.angle_beta   90.000
_cell.angle_gamma   120.000
#
_symmetry.space_group_name_H-M   'P 65 2 2'
#
loop_
_entity.id
_entity.type
_entity.pdbx_description
1 polymer 'Bromodomain-containing protein 3'
2 non-polymer (6S)-6-(2-tert-butoxy-2-oxoethyl)-4-(4-chlorophenyl)-2,3,9-trimethyl-6,7-dihydrothieno[3,2-f][1,2,4]triazolo[4,3-a][1,4]diazepin-10-ium
3 non-polymer 'ISOPROPYL ALCOHOL'
4 water water
#
_entity_poly.entity_id   1
_entity_poly.type   'polypeptide(L)'
_entity_poly.pdbx_seq_one_letter_code
;SMPEVSNPSKPGRKTNQLQYMQNVVVKTLWKHQFAWPFYQPVDAIKLNLPDYHKIIKNPMDMGTIKKRLENNYYWSASEC
MQDFNTMFTNCYIYNKPTDDIVLMAQALEKIFLQKVAQMPQEE
;
_entity_poly.pdbx_strand_id   A
#
loop_
_chem_comp.id
_chem_comp.type
_chem_comp.name
_chem_comp.formula
IPA non-polymer 'ISOPROPYL ALCOHOL' 'C3 H8 O'
JQ1 non-polymer (6S)-6-(2-tert-butoxy-2-oxoethyl)-4-(4-chlorophenyl)-2,3,9-trimethyl-6,7-dihydrothieno[3,2-f][1,2,4]triazolo[4,3-a][1,4]diazepin-10-ium 'C23 H26 Cl N4 O2 S 1'
#
# COMPACT_ATOMS: atom_id res chain seq x y z
N THR A 15 18.48 5.99 1.21
CA THR A 15 19.00 5.65 -0.15
C THR A 15 18.41 6.68 -1.13
N ASN A 16 19.06 6.89 -2.29
CA ASN A 16 18.40 7.63 -3.38
C ASN A 16 17.05 6.94 -3.65
N GLN A 17 17.04 5.61 -3.74
CA GLN A 17 15.80 4.88 -4.08
C GLN A 17 14.81 4.81 -2.92
N LEU A 18 15.28 4.50 -1.72
CA LEU A 18 14.39 4.48 -0.55
C LEU A 18 13.88 5.90 -0.20
N GLN A 19 14.74 6.90 -0.26
CA GLN A 19 14.29 8.28 -0.05
C GLN A 19 13.18 8.62 -1.07
N TYR A 20 13.36 8.17 -2.32
CA TYR A 20 12.37 8.39 -3.37
C TYR A 20 11.04 7.67 -3.08
N MET A 21 11.11 6.48 -2.47
CA MET A 21 9.87 5.76 -2.10
C MET A 21 9.09 6.55 -1.04
N GLN A 22 9.79 7.21 -0.12
CA GLN A 22 9.19 8.01 0.96
C GLN A 22 8.69 9.33 0.36
N ASN A 23 9.59 10.04 -0.34
CA ASN A 23 9.33 11.41 -0.79
C ASN A 23 8.48 11.60 -2.03
N VAL A 24 8.46 10.63 -2.93
CA VAL A 24 7.68 10.74 -4.16
C VAL A 24 6.50 9.71 -4.11
N VAL A 25 6.81 8.43 -3.85
CA VAL A 25 5.80 7.39 -3.98
C VAL A 25 4.75 7.49 -2.87
N VAL A 26 5.17 7.42 -1.60
CA VAL A 26 4.23 7.59 -0.48
C VAL A 26 3.56 8.98 -0.58
N LYS A 27 4.32 10.05 -0.78
CA LYS A 27 3.71 11.40 -0.74
C LYS A 27 2.62 11.58 -1.83
N THR A 28 2.90 11.11 -3.05
CA THR A 28 1.96 11.19 -4.16
C THR A 28 0.71 10.40 -3.82
N LEU A 29 0.90 9.17 -3.35
CA LEU A 29 -0.27 8.29 -3.08
C LEU A 29 -1.08 8.83 -1.93
N TRP A 30 -0.41 9.32 -0.89
CA TRP A 30 -1.11 9.81 0.32
C TRP A 30 -2.07 10.95 0.00
N LYS A 31 -1.67 11.80 -0.96
CA LYS A 31 -2.47 12.94 -1.34
C LYS A 31 -3.69 12.52 -2.20
N HIS A 32 -3.67 11.34 -2.80
CA HIS A 32 -4.74 10.93 -3.73
C HIS A 32 -6.07 10.76 -3.00
N GLN A 33 -7.17 11.17 -3.64
CA GLN A 33 -8.53 11.07 -3.08
C GLN A 33 -8.99 9.67 -2.69
N PHE A 34 -8.39 8.65 -3.29
CA PHE A 34 -8.72 7.27 -3.01
C PHE A 34 -7.84 6.63 -1.93
N ALA A 35 -6.87 7.39 -1.39
CA ALA A 35 -5.86 6.80 -0.49
C ALA A 35 -6.34 6.51 0.94
N TRP A 36 -7.38 7.21 1.40
CA TRP A 36 -7.86 7.17 2.78
C TRP A 36 -8.11 5.79 3.42
N PRO A 37 -8.64 4.81 2.67
CA PRO A 37 -8.78 3.48 3.27
C PRO A 37 -7.46 2.80 3.65
N PHE A 38 -6.35 3.26 3.07
CA PHE A 38 -5.05 2.60 3.22
C PHE A 38 -4.09 3.33 4.15
N TYR A 39 -4.57 4.34 4.88
CA TYR A 39 -3.70 5.10 5.78
C TYR A 39 -3.31 4.33 7.03
N GLN A 40 -4.17 3.39 7.41
CA GLN A 40 -4.00 2.64 8.62
C GLN A 40 -4.38 1.20 8.34
N PRO A 41 -3.94 0.27 9.21
CA PRO A 41 -4.31 -1.13 9.08
C PRO A 41 -5.83 -1.36 8.96
N VAL A 42 -6.26 -2.35 8.16
CA VAL A 42 -7.65 -2.79 8.17
C VAL A 42 -8.00 -3.21 9.61
N ASP A 43 -9.04 -2.58 10.15
CA ASP A 43 -9.52 -2.88 11.51
C ASP A 43 -10.68 -3.85 11.35
N ALA A 44 -10.35 -5.13 11.40
CA ALA A 44 -11.34 -6.16 11.20
C ALA A 44 -12.42 -6.13 12.29
N ILE A 45 -12.12 -5.57 13.46
CA ILE A 45 -13.13 -5.46 14.54
C ILE A 45 -14.09 -4.31 14.23
N LYS A 46 -13.57 -3.10 14.08
CA LYS A 46 -14.41 -1.96 13.75
C LYS A 46 -15.27 -2.19 12.50
N LEU A 47 -14.72 -2.85 11.47
CA LEU A 47 -15.46 -3.06 10.20
C LEU A 47 -16.26 -4.39 10.18
N ASN A 48 -16.20 -5.13 11.28
CA ASN A 48 -16.90 -6.39 11.41
C ASN A 48 -16.53 -7.38 10.30
N LEU A 49 -15.24 -7.69 10.18
CA LEU A 49 -14.71 -8.62 9.19
C LEU A 49 -14.02 -9.84 9.89
N PRO A 50 -14.81 -10.82 10.39
CA PRO A 50 -14.29 -11.98 11.17
C PRO A 50 -13.38 -12.96 10.40
N ASP A 51 -13.52 -12.95 9.08
CA ASP A 51 -12.72 -13.78 8.20
C ASP A 51 -11.48 -13.03 7.64
N TYR A 52 -11.37 -11.72 7.90
CA TYR A 52 -10.31 -10.90 7.27
C TYR A 52 -8.91 -11.49 7.55
N HIS A 53 -8.63 -11.74 8.81
CA HIS A 53 -7.30 -12.19 9.20
C HIS A 53 -6.98 -13.65 8.85
N LYS A 54 -7.98 -14.45 8.50
CA LYS A 54 -7.72 -15.82 8.02
C LYS A 54 -7.57 -15.86 6.49
N ILE A 55 -8.14 -14.88 5.79
CA ILE A 55 -8.01 -14.76 4.32
C ILE A 55 -6.74 -14.01 3.93
N ILE A 56 -6.40 -13.01 4.73
CA ILE A 56 -5.26 -12.13 4.48
C ILE A 56 -4.19 -12.47 5.53
N LYS A 57 -3.13 -13.16 5.08
CA LYS A 57 -2.05 -13.59 5.97
C LYS A 57 -1.00 -12.48 6.22
N ASN A 58 -0.84 -11.53 5.32
CA ASN A 58 0.12 -10.45 5.54
C ASN A 58 -0.57 -9.14 5.41
N PRO A 59 -1.30 -8.71 6.44
CA PRO A 59 -1.86 -7.34 6.39
C PRO A 59 -0.80 -6.29 6.07
N MET A 60 -1.16 -5.27 5.30
CA MET A 60 -0.24 -4.16 5.02
C MET A 60 -1.06 -2.91 4.72
N ASP A 61 -0.51 -1.76 5.10
CA ASP A 61 -1.14 -0.47 4.86
C ASP A 61 -0.06 0.56 4.65
N MET A 62 -0.46 1.73 4.16
CA MET A 62 0.50 2.80 3.85
C MET A 62 1.07 3.50 5.07
N GLY A 63 0.29 3.60 6.14
CA GLY A 63 0.80 4.09 7.43
C GLY A 63 2.00 3.26 7.83
N THR A 64 1.84 1.94 7.76
CA THR A 64 2.91 1.02 8.14
C THR A 64 4.12 1.18 7.26
N ILE A 65 3.90 1.35 5.95
CA ILE A 65 4.99 1.55 5.01
C ILE A 65 5.75 2.84 5.24
N LYS A 66 4.99 3.90 5.53
CA LYS A 66 5.56 5.21 5.76
C LYS A 66 6.45 5.18 7.02
N LYS A 67 5.94 4.58 8.10
CA LYS A 67 6.66 4.35 9.37
C LYS A 67 7.96 3.53 9.11
N ARG A 68 7.82 2.45 8.37
CA ARG A 68 8.96 1.60 8.01
C ARG A 68 10.05 2.36 7.26
N LEU A 69 9.66 3.17 6.29
CA LEU A 69 10.60 4.05 5.60
C LEU A 69 11.28 5.01 6.58
N GLU A 70 10.52 5.63 7.49
CA GLU A 70 11.12 6.57 8.43
C GLU A 70 12.06 5.90 9.41
N ASN A 71 11.81 4.63 9.74
CA ASN A 71 12.64 3.88 10.70
C ASN A 71 13.75 3.10 10.00
N ASN A 72 13.94 3.31 8.70
CA ASN A 72 14.92 2.53 7.89
C ASN A 72 14.75 1.02 8.06
N TYR A 73 13.49 0.58 8.05
CA TYR A 73 13.15 -0.83 8.13
C TYR A 73 13.65 -1.61 6.90
N TYR A 74 13.52 -0.99 5.73
CA TYR A 74 13.77 -1.67 4.48
C TYR A 74 15.25 -1.71 4.19
N TRP A 75 15.65 -2.81 3.58
CA TRP A 75 16.99 -2.98 3.08
C TRP A 75 17.13 -2.52 1.64
N SER A 76 16.02 -2.44 0.90
CA SER A 76 16.03 -2.03 -0.51
C SER A 76 14.69 -1.46 -0.91
N ALA A 77 14.68 -0.68 -2.01
CA ALA A 77 13.45 -0.14 -2.57
C ALA A 77 12.51 -1.28 -2.96
N SER A 78 13.06 -2.37 -3.52
CA SER A 78 12.24 -3.54 -3.91
C SER A 78 11.48 -4.14 -2.70
N GLU A 79 12.11 -4.08 -1.52
CA GLU A 79 11.46 -4.56 -0.32
C GLU A 79 10.22 -3.73 -0.01
N CYS A 80 10.32 -2.42 -0.19
CA CYS A 80 9.22 -1.50 0.01
C CYS A 80 8.13 -1.72 -1.06
N MET A 81 8.57 -1.82 -2.30
CA MET A 81 7.66 -2.14 -3.39
C MET A 81 6.82 -3.38 -3.08
N GLN A 82 7.43 -4.37 -2.46
CA GLN A 82 6.72 -5.58 -2.08
C GLN A 82 5.57 -5.32 -1.12
N ASP A 83 5.82 -4.44 -0.15
CA ASP A 83 4.76 -4.07 0.80
C ASP A 83 3.59 -3.35 0.14
N PHE A 84 3.87 -2.50 -0.84
CA PHE A 84 2.83 -1.86 -1.61
C PHE A 84 2.01 -2.89 -2.39
N ASN A 85 2.70 -3.80 -3.09
CA ASN A 85 2.04 -4.88 -3.82
C ASN A 85 1.14 -5.71 -2.92
N THR A 86 1.65 -6.06 -1.74
CA THR A 86 0.86 -6.80 -0.74
C THR A 86 -0.38 -6.03 -0.33
N MET A 87 -0.20 -4.74 -0.02
CA MET A 87 -1.30 -3.87 0.35
C MET A 87 -2.45 -3.96 -0.68
N PHE A 88 -2.10 -3.78 -1.95
CA PHE A 88 -3.09 -3.79 -3.02
C PHE A 88 -3.72 -5.16 -3.25
N THR A 89 -2.86 -6.17 -3.27
CA THR A 89 -3.27 -7.56 -3.47
C THR A 89 -4.21 -8.00 -2.38
N ASN A 90 -3.93 -7.65 -1.13
CA ASN A 90 -4.85 -8.01 -0.04
C ASN A 90 -6.27 -7.57 -0.31
N CYS A 91 -6.39 -6.33 -0.77
CA CYS A 91 -7.66 -5.73 -1.16
C CYS A 91 -8.38 -6.53 -2.27
N TYR A 92 -7.65 -6.95 -3.33
CA TYR A 92 -8.21 -7.80 -4.40
C TYR A 92 -8.56 -9.22 -3.89
N ILE A 93 -7.85 -9.74 -2.90
CA ILE A 93 -8.13 -11.09 -2.37
C ILE A 93 -9.40 -11.05 -1.53
N TYR A 94 -9.50 -10.04 -0.65
CA TYR A 94 -10.63 -9.97 0.27
C TYR A 94 -11.91 -9.54 -0.44
N ASN A 95 -11.84 -8.61 -1.40
CA ASN A 95 -13.05 -8.00 -1.95
C ASN A 95 -13.48 -8.57 -3.32
N LYS A 96 -14.72 -8.30 -3.70
CA LYS A 96 -15.24 -8.74 -5.01
C LYS A 96 -14.63 -7.79 -6.09
N PRO A 97 -14.36 -8.32 -7.29
CA PRO A 97 -13.74 -7.52 -8.39
C PRO A 97 -14.46 -6.21 -8.79
N THR A 98 -15.77 -6.13 -8.55
CA THR A 98 -16.54 -4.95 -8.88
C THR A 98 -16.65 -3.97 -7.69
N ASP A 99 -16.17 -4.33 -6.49
CA ASP A 99 -16.28 -3.45 -5.32
C ASP A 99 -15.54 -2.11 -5.53
N ASP A 100 -16.11 -1.05 -4.98
CA ASP A 100 -15.50 0.28 -5.01
C ASP A 100 -14.09 0.26 -4.52
N ILE A 101 -13.83 -0.42 -3.40
CA ILE A 101 -12.48 -0.47 -2.82
C ILE A 101 -11.48 -1.09 -3.81
N VAL A 102 -11.91 -2.10 -4.59
CA VAL A 102 -11.03 -2.73 -5.63
C VAL A 102 -10.65 -1.72 -6.73
N LEU A 103 -11.66 -1.00 -7.24
CA LEU A 103 -11.44 -0.02 -8.27
C LEU A 103 -10.52 1.09 -7.76
N MET A 104 -10.67 1.47 -6.48
CA MET A 104 -9.81 2.47 -5.84
C MET A 104 -8.38 1.99 -5.75
N ALA A 105 -8.20 0.76 -5.26
CA ALA A 105 -6.88 0.13 -5.21
C ALA A 105 -6.22 0.06 -6.57
N GLN A 106 -6.98 -0.30 -7.61
CA GLN A 106 -6.43 -0.36 -8.98
C GLN A 106 -5.91 0.99 -9.44
N ALA A 107 -6.68 2.05 -9.17
CA ALA A 107 -6.24 3.41 -9.50
C ALA A 107 -4.93 3.77 -8.80
N LEU A 108 -4.85 3.45 -7.51
CA LEU A 108 -3.68 3.74 -6.69
C LEU A 108 -2.50 2.89 -7.10
N GLU A 109 -2.76 1.63 -7.39
CA GLU A 109 -1.71 0.72 -7.85
C GLU A 109 -1.14 1.23 -9.19
N LYS A 110 -1.98 1.76 -10.07
CA LYS A 110 -1.47 2.25 -11.37
C LYS A 110 -0.49 3.40 -11.17
N ILE A 111 -0.84 4.35 -10.30
CA ILE A 111 0.01 5.49 -9.96
C ILE A 111 1.34 5.03 -9.33
N PHE A 112 1.24 4.08 -8.40
CA PHE A 112 2.40 3.41 -7.78
C PHE A 112 3.38 2.89 -8.84
N LEU A 113 2.83 2.15 -9.82
CA LEU A 113 3.66 1.60 -10.87
C LEU A 113 4.24 2.68 -11.79
N GLN A 114 3.43 3.68 -12.16
CA GLN A 114 3.90 4.80 -12.99
C GLN A 114 5.08 5.52 -12.31
N LYS A 115 5.00 5.70 -10.99
CA LYS A 115 6.07 6.35 -10.23
C LYS A 115 7.26 5.44 -10.00
N VAL A 116 7.01 4.15 -9.79
CA VAL A 116 8.12 3.20 -9.68
C VAL A 116 8.97 3.21 -10.96
N ALA A 117 8.31 3.26 -12.13
CA ALA A 117 8.99 3.30 -13.45
C ALA A 117 9.84 4.54 -13.68
N GLN A 118 9.56 5.60 -12.93
CA GLN A 118 10.29 6.86 -13.05
C GLN A 118 11.31 6.99 -11.92
N MET A 119 11.54 5.92 -11.17
CA MET A 119 12.52 5.90 -10.09
C MET A 119 13.95 5.96 -10.67
N PRO A 120 14.87 6.61 -9.93
CA PRO A 120 16.33 6.59 -10.26
C PRO A 120 17.01 5.21 -10.01
N GLN A 121 18.08 4.88 -10.75
CA GLN A 121 18.84 3.63 -10.53
C GLN A 121 20.11 3.93 -9.78
CAA JQ1 B . -8.23 -1.48 2.75
CAB JQ1 B . -11.06 2.23 6.47
CAC JQ1 B . -13.61 1.81 4.88
CAD JQ1 B . -17.60 -2.72 3.40
CAE JQ1 B . -17.53 -3.93 5.54
CAF JQ1 B . -16.71 -1.56 5.51
OAG JQ1 B . -15.89 -4.99 3.35
CLAH JQ1 B . -15.46 3.25 -0.98
CAI JQ1 B . -13.73 2.36 0.87
CAJ JQ1 B . -15.58 0.86 0.41
CAK JQ1 B . -13.26 1.43 1.79
CAL JQ1 B . -15.08 -0.06 1.32
CAM JQ1 B . -13.55 -4.42 3.32
NAN JQ1 B . -13.60 -1.98 2.78
NAO JQ1 B . -9.62 -3.60 2.22
NAP JQ1 B . -10.77 -4.04 2.41
OAQ JQ1 B . -15.41 -3.17 4.50
SAR JQ1 B . -10.10 -0.13 5.12
CAS JQ1 B . -15.04 -4.21 3.72
CAT JQ1 B . -13.35 -0.69 2.97
CAU JQ1 B . -14.90 2.09 0.18
CAV JQ1 B . -9.50 -2.37 2.77
CAW JQ1 B . -13.92 0.22 2.05
CAX JQ1 B . -11.26 1.06 5.49
CAY JQ1 B . -12.40 0.85 4.72
CAZ JQ1 B . -11.44 -3.10 3.09
CBA JQ1 B . -12.31 -0.28 3.86
CBB JQ1 B . -11.06 -0.94 3.97
CBC JQ1 B . -12.90 -3.09 3.56
NBD JQ1 B . -10.67 -2.05 3.31
CBE JQ1 B . -16.82 -2.86 4.72
C1 IPA C . 12.99 -9.74 6.47
C2 IPA C . 12.41 -8.51 7.15
C3 IPA C . 12.16 -8.78 8.63
O2 IPA C . 13.31 -7.38 6.96
#